data_4I97
#
_entry.id   4I97
#
_cell.length_a   63.29
_cell.length_b   63.29
_cell.length_c   221.41
_cell.angle_alpha   90.00
_cell.angle_beta   90.00
_cell.angle_gamma   90.00
#
_symmetry.space_group_name_H-M   'P 43 21 2'
#
loop_
_entity.id
_entity.type
_entity.pdbx_description
1 polymer 'DELTA CLASS 1 GLUTATHIONE S-TRANSFERASE'
2 non-polymer GLUTATHIONE
3 water water
#
_entity_poly.entity_id   1
_entity_poly.type   'polypeptide(L)'
_entity_poly.pdbx_seq_one_letter_code
;ADLYYLPGSSPCRSVIMVAKAIGLELNKKLLDLSTGEHLKPEFVKINPQHTIPTLVDNGFALWESRAILVYLVEKYGKTD
SLYPKCPKKRAVINQRLYFDMGTLYQSFANYYYPQVFAKAPADPELYKKMEAAVEFLNTFLEGQTYAAGDSLTIADIALL
ATMSSFEVAGYDFSKYENVNKWYANAKKVTPGWDENWAGCQEFKKYFE
;
_entity_poly.pdbx_strand_id   A,B
#
# COMPACT_ATOMS: atom_id res chain seq x y z
N ALA A 1 6.31 23.54 5.49
CA ALA A 1 6.27 22.08 5.67
C ALA A 1 7.66 21.59 5.30
N ASP A 2 8.28 20.86 6.22
CA ASP A 2 9.59 20.26 6.00
C ASP A 2 9.43 18.83 5.35
N LEU A 3 10.29 18.49 4.42
CA LEU A 3 10.27 17.17 3.79
C LEU A 3 11.70 16.61 3.85
N TYR A 4 11.88 15.55 4.63
CA TYR A 4 13.16 14.81 4.71
C TYR A 4 13.14 13.80 3.60
N TYR A 5 14.16 13.86 2.74
CA TYR A 5 14.21 13.17 1.47
C TYR A 5 15.62 12.88 0.98
N LEU A 6 15.70 12.10 -0.09
CA LEU A 6 16.90 11.97 -0.95
C LEU A 6 16.42 12.02 -2.44
N PRO A 7 17.16 12.75 -3.29
CA PRO A 7 16.61 13.00 -4.60
C PRO A 7 16.51 11.76 -5.52
N GLY A 8 17.31 10.73 -5.29
CA GLY A 8 17.19 9.44 -6.04
C GLY A 8 15.99 8.57 -5.71
N SER A 9 15.48 8.72 -4.51
CA SER A 9 14.43 7.84 -3.99
C SER A 9 13.09 8.17 -4.68
N SER A 10 12.52 7.12 -5.26
CA SER A 10 11.23 7.19 -5.97
C SER A 10 10.08 7.69 -5.07
N PRO A 11 9.95 7.13 -3.88
CA PRO A 11 8.83 7.63 -3.02
C PRO A 11 8.98 9.15 -2.62
N CYS A 12 10.20 9.65 -2.53
CA CYS A 12 10.47 11.09 -2.30
C CYS A 12 10.09 11.94 -3.55
N ARG A 13 10.52 11.48 -4.73
CA ARG A 13 10.30 12.14 -6.02
C ARG A 13 8.82 12.24 -6.37
N SER A 14 8.08 11.22 -6.00
CA SER A 14 6.60 11.28 -6.09
C SER A 14 5.97 12.40 -5.25
N VAL A 15 6.42 12.59 -4.02
CA VAL A 15 5.95 13.72 -3.19
C VAL A 15 6.33 15.11 -3.79
N ILE A 16 7.55 15.22 -4.31
CA ILE A 16 8.06 16.51 -4.80
C ILE A 16 7.31 16.88 -6.06
N MET A 17 6.94 15.91 -6.90
CA MET A 17 6.05 16.23 -8.05
C MET A 17 4.65 16.72 -7.65
N VAL A 18 4.02 16.05 -6.69
CA VAL A 18 2.73 16.49 -6.23
C VAL A 18 2.81 17.91 -5.61
N ALA A 19 3.89 18.20 -4.87
CA ALA A 19 4.03 19.51 -4.25
C ALA A 19 4.09 20.53 -5.39
N LYS A 20 4.94 20.28 -6.38
CA LYS A 20 5.00 21.15 -7.56
C LYS A 20 3.63 21.31 -8.22
N ALA A 21 2.96 20.19 -8.52
CA ALA A 21 1.64 20.21 -9.09
C ALA A 21 0.66 21.13 -8.38
N ILE A 22 0.75 21.32 -7.05
CA ILE A 22 -0.23 22.19 -6.33
C ILE A 22 0.35 23.52 -5.89
N GLY A 23 1.61 23.81 -6.25
CA GLY A 23 2.15 25.12 -5.97
C GLY A 23 2.67 25.23 -4.57
N LEU A 24 3.03 24.11 -3.96
CA LEU A 24 3.55 24.16 -2.57
C LEU A 24 5.06 24.08 -2.59
N GLU A 25 5.69 25.11 -2.01
CA GLU A 25 7.10 25.13 -1.72
C GLU A 25 7.41 24.38 -0.40
N LEU A 26 8.06 23.26 -0.46
CA LEU A 26 8.45 22.56 0.77
C LEU A 26 9.85 23.06 1.22
N ASN A 27 10.17 23.00 2.50
CA ASN A 27 11.57 23.12 2.91
C ASN A 27 12.16 21.76 2.73
N LYS A 28 12.96 21.55 1.70
CA LYS A 28 13.54 20.22 1.43
C LYS A 28 14.81 19.93 2.25
N LYS A 29 14.79 18.97 3.14
CA LYS A 29 15.92 18.70 4.05
C LYS A 29 16.58 17.40 3.69
N LEU A 30 17.82 17.50 3.23
CA LEU A 30 18.50 16.32 2.77
C LEU A 30 18.79 15.53 4.02
N LEU A 31 18.38 14.26 4.03
CA LEU A 31 18.61 13.40 5.18
C LEU A 31 19.55 12.34 4.69
N ASP A 32 20.78 12.38 5.18
CA ASP A 32 21.84 11.51 4.67
C ASP A 32 21.80 10.06 5.14
N LEU A 33 21.12 9.19 4.41
CA LEU A 33 20.98 7.79 4.81
C LEU A 33 22.32 7.07 4.80
N SER A 34 23.06 7.29 3.72
CA SER A 34 24.43 6.78 3.61
C SER A 34 25.31 7.05 4.88
N THR A 35 24.95 7.98 5.77
CA THR A 35 25.78 8.20 6.99
C THR A 35 25.01 8.07 8.33
N GLY A 36 23.83 7.42 8.30
CA GLY A 36 23.13 7.05 9.55
C GLY A 36 22.34 8.13 10.29
N GLU A 37 22.17 9.28 9.63
CA GLU A 37 21.45 10.45 10.16
C GLU A 37 20.05 10.11 10.58
N HIS A 38 19.36 9.35 9.72
CA HIS A 38 18.01 8.82 9.97
C HIS A 38 17.87 7.92 11.14
N LEU A 39 18.97 7.41 11.66
CA LEU A 39 18.89 6.43 12.73
C LEU A 39 19.18 7.12 14.07
N LYS A 40 19.48 8.42 14.05
CA LYS A 40 19.81 9.16 15.30
C LYS A 40 18.53 9.53 16.06
N PRO A 41 18.63 9.74 17.40
CA PRO A 41 17.49 10.00 18.25
C PRO A 41 16.61 11.18 17.76
N GLU A 42 17.21 12.18 17.12
CA GLU A 42 16.47 13.35 16.64
C GLU A 42 15.50 12.98 15.51
N PHE A 43 15.96 12.25 14.49
CA PHE A 43 15.02 11.80 13.41
C PHE A 43 14.10 10.66 13.93
N VAL A 44 14.64 9.72 14.72
CA VAL A 44 13.79 8.63 15.30
C VAL A 44 12.61 9.24 16.11
N LYS A 45 12.84 10.36 16.79
CA LYS A 45 11.78 11.05 17.53
C LYS A 45 10.67 11.64 16.62
N ILE A 46 11.03 12.00 15.39
CA ILE A 46 10.07 12.50 14.39
C ILE A 46 9.30 11.33 13.72
N ASN A 47 10.05 10.29 13.34
CA ASN A 47 9.49 9.08 12.67
C ASN A 47 10.20 7.89 13.23
N PRO A 48 9.53 7.10 14.11
CA PRO A 48 10.18 5.97 14.73
C PRO A 48 10.55 4.82 13.78
N GLN A 49 10.00 4.83 12.56
CA GLN A 49 10.32 3.88 11.53
C GLN A 49 11.56 4.32 10.75
N HIS A 50 11.89 5.60 10.90
CA HIS A 50 13.08 6.15 10.33
C HIS A 50 13.27 5.91 8.85
N THR A 51 12.22 6.25 8.09
CA THR A 51 12.16 6.12 6.69
C THR A 51 11.94 7.52 6.05
N ILE A 52 12.46 7.66 4.85
CA ILE A 52 12.09 8.81 4.03
C ILE A 52 11.19 8.39 2.88
N PRO A 53 10.29 9.26 2.44
CA PRO A 53 10.15 10.62 2.81
C PRO A 53 9.36 10.71 4.12
N THR A 54 9.63 11.78 4.87
CA THR A 54 8.87 12.12 6.08
C THR A 54 8.52 13.57 5.97
N LEU A 55 7.23 13.90 6.10
CA LEU A 55 6.77 15.30 6.14
C LEU A 55 6.71 15.75 7.58
N VAL A 56 7.19 16.94 7.91
CA VAL A 56 6.80 17.60 9.19
C VAL A 56 6.09 18.95 8.86
N ASP A 57 4.78 19.02 9.13
CA ASP A 57 3.91 20.15 8.66
C ASP A 57 3.36 20.85 9.88
N ASN A 58 4.00 21.90 10.35
CA ASN A 58 3.55 22.54 11.58
C ASN A 58 3.42 21.69 12.83
N GLY A 59 4.43 20.90 13.14
CA GLY A 59 4.27 20.01 14.25
C GLY A 59 3.73 18.62 13.94
N PHE A 60 3.14 18.44 12.78
CA PHE A 60 2.50 17.17 12.47
C PHE A 60 3.47 16.32 11.65
N ALA A 61 3.88 15.17 12.21
CA ALA A 61 4.79 14.22 11.55
C ALA A 61 4.03 13.25 10.68
N LEU A 62 4.51 12.93 9.50
CA LEU A 62 3.81 11.95 8.64
C LEU A 62 4.75 11.26 7.65
N TRP A 63 4.58 9.96 7.46
CA TRP A 63 5.40 9.24 6.52
C TRP A 63 4.53 8.28 5.79
N GLU A 64 5.17 7.48 4.91
CA GLU A 64 4.53 6.73 3.79
C GLU A 64 4.16 7.75 2.66
N SER A 65 4.95 7.72 1.58
CA SER A 65 4.75 8.62 0.46
C SER A 65 3.33 8.77 0.04
N ARG A 66 2.60 7.67 -0.06
CA ARG A 66 1.25 7.75 -0.63
C ARG A 66 0.22 8.32 0.33
N ALA A 67 0.45 8.23 1.65
CA ALA A 67 -0.31 8.96 2.65
C ALA A 67 0.00 10.47 2.49
N ILE A 68 1.27 10.80 2.33
CA ILE A 68 1.65 12.19 2.13
C ILE A 68 1.01 12.84 0.86
N LEU A 69 0.90 12.06 -0.22
CA LEU A 69 0.34 12.63 -1.45
C LEU A 69 -1.09 13.12 -1.08
N VAL A 70 -1.89 12.24 -0.50
CA VAL A 70 -3.30 12.53 -0.27
C VAL A 70 -3.38 13.78 0.66
N TYR A 71 -2.54 13.76 1.73
CA TYR A 71 -2.59 14.79 2.77
C TYR A 71 -2.25 16.16 2.17
N LEU A 72 -1.21 16.22 1.35
CA LEU A 72 -0.84 17.45 0.68
C LEU A 72 -1.95 17.95 -0.22
N VAL A 73 -2.54 17.08 -1.03
CA VAL A 73 -3.61 17.50 -1.93
C VAL A 73 -4.82 17.96 -1.15
N GLU A 74 -5.16 17.27 -0.05
CA GLU A 74 -6.36 17.67 0.70
C GLU A 74 -6.17 19.05 1.41
N LYS A 75 -4.97 19.34 1.89
CA LYS A 75 -4.67 20.53 2.65
C LYS A 75 -4.34 21.71 1.77
N TYR A 76 -3.40 21.51 0.86
CA TYR A 76 -2.87 22.57 0.02
C TYR A 76 -3.43 22.68 -1.40
N GLY A 77 -4.13 21.68 -1.88
CA GLY A 77 -4.59 21.74 -3.28
C GLY A 77 -5.59 22.88 -3.50
N LYS A 78 -5.36 23.72 -4.52
CA LYS A 78 -6.31 24.80 -4.88
C LYS A 78 -7.64 24.18 -5.26
N THR A 79 -7.60 23.17 -6.14
CA THR A 79 -8.80 22.37 -6.45
C THR A 79 -8.59 20.86 -5.99
N ASP A 80 -9.60 20.04 -6.18
CA ASP A 80 -9.43 18.63 -5.87
C ASP A 80 -9.18 17.76 -7.15
N SER A 81 -8.88 18.37 -8.31
CA SER A 81 -8.70 17.57 -9.56
C SER A 81 -7.69 16.44 -9.42
N LEU A 82 -6.68 16.61 -8.61
CA LEU A 82 -5.66 15.59 -8.53
C LEU A 82 -6.12 14.46 -7.64
N TYR A 83 -7.11 14.74 -6.78
CA TYR A 83 -7.69 13.78 -5.86
C TYR A 83 -9.16 14.09 -5.55
N PRO A 84 -10.08 13.83 -6.49
CA PRO A 84 -11.46 14.30 -6.31
C PRO A 84 -12.30 13.76 -5.14
N LYS A 85 -13.24 14.58 -4.67
CA LYS A 85 -14.07 14.27 -3.48
C LYS A 85 -14.93 12.99 -3.59
N CYS A 86 -15.40 12.68 -4.79
CA CYS A 86 -16.32 11.56 -5.08
C CYS A 86 -15.84 10.11 -4.70
N PRO A 87 -16.47 9.43 -3.71
CA PRO A 87 -15.82 8.18 -3.18
C PRO A 87 -15.40 7.12 -4.25
N LYS A 88 -16.19 7.02 -5.32
CA LYS A 88 -15.91 6.11 -6.44
C LYS A 88 -14.64 6.52 -7.20
N LYS A 89 -14.49 7.80 -7.50
CA LYS A 89 -13.29 8.31 -8.17
C LYS A 89 -12.05 8.11 -7.30
N ARG A 90 -12.25 8.38 -6.01
CA ARG A 90 -11.24 8.29 -4.99
C ARG A 90 -10.76 6.84 -4.79
N ALA A 91 -11.71 5.94 -4.90
CA ALA A 91 -11.47 4.55 -4.69
C ALA A 91 -10.61 3.95 -5.83
N VAL A 92 -10.85 4.36 -7.09
CA VAL A 92 -10.01 3.90 -8.22
C VAL A 92 -8.58 4.42 -8.04
N ILE A 93 -8.44 5.70 -7.65
CA ILE A 93 -7.09 6.28 -7.32
C ILE A 93 -6.41 5.51 -6.20
N ASN A 94 -7.15 5.15 -5.14
CA ASN A 94 -6.55 4.47 -3.96
C ASN A 94 -6.05 3.07 -4.41
N GLN A 95 -6.87 2.36 -5.20
CA GLN A 95 -6.48 1.02 -5.70
C GLN A 95 -5.18 1.09 -6.52
N ARG A 96 -5.04 2.11 -7.34
CA ARG A 96 -3.82 2.26 -8.13
C ARG A 96 -2.61 2.58 -7.25
N LEU A 97 -2.87 3.24 -6.13
CA LEU A 97 -1.78 3.61 -5.23
C LEU A 97 -1.27 2.39 -4.49
N TYR A 98 -2.18 1.58 -3.98
CA TYR A 98 -1.86 0.31 -3.39
C TYR A 98 -1.20 -0.65 -4.43
N PHE A 99 -1.67 -0.55 -5.67
CA PHE A 99 -1.06 -1.26 -6.84
C PHE A 99 0.36 -0.84 -7.05
N ASP A 100 0.55 0.50 -7.15
CA ASP A 100 1.89 1.10 -7.22
C ASP A 100 2.85 0.60 -6.14
N MET A 101 2.41 0.61 -4.88
CA MET A 101 3.33 0.20 -3.83
C MET A 101 3.50 -1.31 -3.84
N GLY A 102 2.40 -2.04 -3.87
CA GLY A 102 2.40 -3.40 -3.40
C GLY A 102 2.61 -4.39 -4.56
N THR A 103 2.41 -3.97 -5.82
CA THR A 103 2.58 -4.83 -6.98
C THR A 103 3.71 -4.38 -7.87
N LEU A 104 3.66 -3.11 -8.31
CA LEU A 104 4.56 -2.58 -9.31
C LEU A 104 5.94 -2.22 -8.74
N TYR A 105 5.96 -1.24 -7.84
CA TYR A 105 7.22 -0.86 -7.14
C TYR A 105 7.80 -2.03 -6.35
N GLN A 106 6.94 -2.79 -5.67
CA GLN A 106 7.37 -4.03 -4.96
C GLN A 106 8.16 -5.00 -5.86
N SER A 107 7.68 -5.22 -7.08
CA SER A 107 8.33 -6.18 -8.01
C SER A 107 9.68 -5.63 -8.43
N PHE A 108 9.70 -4.34 -8.69
CA PHE A 108 10.89 -3.58 -9.03
C PHE A 108 11.98 -3.66 -7.97
N ALA A 109 11.59 -3.33 -6.73
CA ALA A 109 12.45 -3.47 -5.55
C ALA A 109 12.97 -4.91 -5.30
N ASN A 110 12.09 -5.89 -5.30
CA ASN A 110 12.47 -7.29 -5.17
C ASN A 110 13.51 -7.74 -6.23
N TYR A 111 13.36 -7.26 -7.47
CA TYR A 111 14.25 -7.68 -8.55
C TYR A 111 15.56 -6.95 -8.52
N TYR A 112 15.52 -5.61 -8.41
CA TYR A 112 16.72 -4.76 -8.46
C TYR A 112 17.51 -4.47 -7.16
N TYR A 113 16.83 -4.34 -6.01
CA TYR A 113 17.51 -4.00 -4.75
C TYR A 113 18.56 -5.04 -4.30
N PRO A 114 18.23 -6.35 -4.40
CA PRO A 114 19.33 -7.29 -4.05
C PRO A 114 20.56 -7.08 -4.96
N GLN A 115 20.39 -6.69 -6.21
CA GLN A 115 21.53 -6.46 -7.09
C GLN A 115 22.32 -5.20 -6.68
N VAL A 116 21.67 -4.04 -6.62
CA VAL A 116 22.43 -2.78 -6.37
C VAL A 116 22.92 -2.66 -4.92
N PHE A 117 22.12 -3.08 -3.95
CA PHE A 117 22.47 -2.91 -2.53
C PHE A 117 23.15 -4.08 -1.81
N ALA A 118 22.87 -5.31 -2.26
CA ALA A 118 23.48 -6.52 -1.72
C ALA A 118 24.43 -7.24 -2.73
N LYS A 119 24.44 -6.80 -3.99
CA LYS A 119 25.24 -7.41 -5.07
C LYS A 119 24.94 -8.88 -5.33
N ALA A 120 23.72 -9.33 -5.06
CA ALA A 120 23.29 -10.65 -5.48
C ALA A 120 23.20 -10.61 -7.02
N PRO A 121 23.33 -11.77 -7.69
CA PRO A 121 23.03 -11.83 -9.14
C PRO A 121 21.53 -11.64 -9.45
N ALA A 122 21.20 -11.29 -10.68
CA ALA A 122 19.83 -11.18 -11.15
C ALA A 122 19.09 -12.52 -10.95
N ASP A 123 17.83 -12.44 -10.51
CA ASP A 123 17.01 -13.60 -10.32
C ASP A 123 15.91 -13.61 -11.38
N PRO A 124 15.98 -14.56 -12.35
CA PRO A 124 15.08 -14.51 -13.52
C PRO A 124 13.58 -14.77 -13.19
N GLU A 125 13.31 -15.35 -12.02
CA GLU A 125 11.93 -15.56 -11.54
C GLU A 125 11.32 -14.28 -10.92
N LEU A 126 12.19 -13.50 -10.31
CA LEU A 126 11.80 -12.16 -9.82
C LEU A 126 11.68 -11.16 -11.01
N TYR A 127 12.46 -11.36 -12.06
CA TYR A 127 12.30 -10.61 -13.29
C TYR A 127 10.91 -10.83 -13.87
N LYS A 128 10.47 -12.09 -13.98
CA LYS A 128 9.18 -12.42 -14.57
C LYS A 128 8.02 -11.74 -13.79
N LYS A 129 8.11 -11.73 -12.47
CA LYS A 129 7.09 -11.16 -11.62
C LYS A 129 7.01 -9.65 -11.83
N MET A 130 8.17 -9.03 -12.07
CA MET A 130 8.24 -7.62 -12.34
C MET A 130 7.60 -7.26 -13.73
N GLU A 131 7.88 -8.07 -14.75
CA GLU A 131 7.17 -7.96 -16.03
C GLU A 131 5.66 -8.19 -15.98
N ALA A 132 5.18 -9.14 -15.17
CA ALA A 132 3.74 -9.30 -15.01
C ALA A 132 3.06 -8.01 -14.45
N ALA A 133 3.76 -7.31 -13.56
CA ALA A 133 3.28 -6.03 -12.96
C ALA A 133 3.09 -4.93 -14.02
N VAL A 134 4.09 -4.76 -14.87
CA VAL A 134 4.04 -3.81 -15.96
C VAL A 134 2.89 -4.18 -16.89
N GLU A 135 2.65 -5.50 -17.13
CA GLU A 135 1.54 -5.95 -18.04
C GLU A 135 0.19 -5.51 -17.48
N PHE A 136 -0.01 -5.70 -16.17
CA PHE A 136 -1.25 -5.24 -15.48
C PHE A 136 -1.44 -3.76 -15.63
N LEU A 137 -0.37 -2.98 -15.44
CA LEU A 137 -0.46 -1.51 -15.73
C LEU A 137 -0.87 -1.24 -17.22
N ASN A 138 -0.38 -2.05 -18.15
CA ASN A 138 -0.75 -1.87 -19.55
C ASN A 138 -2.26 -2.08 -19.74
N THR A 139 -2.76 -3.18 -19.18
CA THR A 139 -4.20 -3.45 -19.19
C THR A 139 -5.00 -2.29 -18.56
N PHE A 140 -4.59 -1.83 -17.38
CA PHE A 140 -5.34 -0.75 -16.70
C PHE A 140 -5.49 0.44 -17.65
N LEU A 141 -4.50 0.66 -18.50
CA LEU A 141 -4.48 1.87 -19.31
C LEU A 141 -5.13 1.70 -20.72
N GLU A 142 -5.72 0.54 -21.02
CA GLU A 142 -6.37 0.31 -22.35
C GLU A 142 -7.46 1.37 -22.55
N GLY A 143 -7.41 2.15 -23.60
CA GLY A 143 -8.51 3.12 -23.87
C GLY A 143 -8.43 4.39 -23.02
N GLN A 144 -7.35 4.55 -22.27
CA GLN A 144 -7.25 5.60 -21.26
C GLN A 144 -6.04 6.39 -21.57
N THR A 145 -6.09 7.71 -21.35
CA THR A 145 -4.85 8.50 -21.40
C THR A 145 -4.24 8.50 -20.01
N TYR A 146 -5.09 8.48 -18.96
CA TYR A 146 -4.64 8.52 -17.53
C TYR A 146 -4.94 7.23 -16.73
N ALA A 147 -4.28 7.07 -15.59
CA ALA A 147 -4.30 5.77 -14.87
C ALA A 147 -5.58 5.56 -14.13
N ALA A 148 -6.28 6.63 -13.75
CA ALA A 148 -7.46 6.48 -12.88
C ALA A 148 -8.53 7.55 -13.14
N GLY A 149 -8.96 7.67 -14.38
CA GLY A 149 -10.01 8.63 -14.73
C GLY A 149 -9.71 9.27 -16.06
N ASP A 150 -10.51 10.27 -16.40
N ASP A 150 -10.51 10.25 -16.44
CA ASP A 150 -10.30 11.05 -17.62
CA ASP A 150 -10.25 11.02 -17.66
C ASP A 150 -9.23 12.13 -17.44
C ASP A 150 -9.22 12.13 -17.44
N SER A 151 -8.75 12.30 -16.20
CA SER A 151 -7.80 13.38 -15.82
C SER A 151 -6.59 12.91 -15.03
N LEU A 152 -5.52 13.73 -15.07
CA LEU A 152 -4.29 13.49 -14.29
C LEU A 152 -4.62 13.51 -12.80
N THR A 153 -4.13 12.51 -12.05
CA THR A 153 -4.35 12.41 -10.60
C THR A 153 -3.08 12.06 -9.84
N ILE A 154 -3.18 12.00 -8.53
CA ILE A 154 -2.02 11.55 -7.71
C ILE A 154 -1.56 10.11 -8.03
N ALA A 155 -2.49 9.32 -8.57
CA ALA A 155 -2.21 7.97 -9.13
C ALA A 155 -1.20 8.00 -10.27
N ASP A 156 -1.34 8.89 -11.28
CA ASP A 156 -0.31 9.06 -12.33
C ASP A 156 0.98 9.58 -11.76
N ILE A 157 0.94 10.44 -10.74
CA ILE A 157 2.19 11.01 -10.31
C ILE A 157 3.05 9.94 -9.59
N ALA A 158 2.42 9.19 -8.68
CA ALA A 158 3.07 8.08 -7.98
C ALA A 158 3.64 7.09 -9.05
N LEU A 159 2.80 6.74 -9.99
CA LEU A 159 3.14 5.77 -10.99
C LEU A 159 4.28 6.27 -11.87
N LEU A 160 4.36 7.59 -12.02
CA LEU A 160 5.38 8.21 -12.84
C LEU A 160 6.77 8.14 -12.16
N ALA A 161 6.83 8.43 -10.86
CA ALA A 161 8.04 8.15 -10.06
C ALA A 161 8.53 6.67 -10.19
N THR A 162 7.62 5.69 -10.06
CA THR A 162 7.94 4.27 -10.23
C THR A 162 8.47 4.03 -11.67
N MET A 163 7.74 4.45 -12.70
CA MET A 163 8.09 4.02 -14.05
C MET A 163 9.38 4.64 -14.57
N SER A 164 9.72 5.88 -14.10
CA SER A 164 11.00 6.53 -14.40
C SER A 164 12.17 5.86 -13.65
N SER A 165 11.92 5.39 -12.42
CA SER A 165 12.79 4.39 -11.77
C SER A 165 13.08 3.16 -12.69
N PHE A 166 12.02 2.53 -13.24
CA PHE A 166 12.18 1.41 -14.18
C PHE A 166 13.07 1.83 -15.33
N GLU A 167 12.84 3.03 -15.87
CA GLU A 167 13.68 3.48 -16.96
C GLU A 167 15.19 3.51 -16.64
N VAL A 168 15.64 4.25 -15.63
CA VAL A 168 17.09 4.36 -15.42
C VAL A 168 17.74 3.07 -14.87
N ALA A 169 16.93 2.11 -14.41
CA ALA A 169 17.41 0.77 -14.05
C ALA A 169 17.68 -0.10 -15.29
N GLY A 170 17.25 0.35 -16.47
CA GLY A 170 17.52 -0.31 -17.72
C GLY A 170 16.37 -1.18 -18.21
N TYR A 171 15.22 -1.19 -17.49
CA TYR A 171 14.10 -2.05 -17.89
C TYR A 171 13.49 -1.52 -19.19
N ASP A 172 13.38 -2.39 -20.19
CA ASP A 172 12.83 -2.06 -21.49
C ASP A 172 11.28 -2.23 -21.49
N PHE A 173 10.49 -1.18 -21.47
CA PHE A 173 9.04 -1.39 -21.51
C PHE A 173 8.48 -0.85 -22.82
N SER A 174 9.26 -1.05 -23.89
CA SER A 174 8.92 -0.52 -25.21
C SER A 174 7.68 -1.24 -25.67
N LYS A 175 7.70 -2.54 -25.45
CA LYS A 175 6.67 -3.49 -25.77
C LYS A 175 5.24 -3.22 -25.22
N TYR A 176 5.06 -2.39 -24.19
CA TYR A 176 3.67 -2.15 -23.70
C TYR A 176 3.13 -0.81 -24.23
N GLU A 177 2.31 -0.94 -25.28
N GLU A 177 2.40 -0.82 -25.33
CA GLU A 177 1.80 0.19 -26.06
CA GLU A 177 2.05 0.46 -25.96
C GLU A 177 1.12 1.26 -25.20
C GLU A 177 1.18 1.36 -25.11
N ASN A 178 0.32 0.82 -24.24
CA ASN A 178 -0.50 1.71 -23.39
C ASN A 178 0.42 2.43 -22.37
N VAL A 179 1.30 1.66 -21.74
CA VAL A 179 2.29 2.22 -20.83
C VAL A 179 3.11 3.24 -21.52
N ASN A 180 3.62 2.92 -22.73
CA ASN A 180 4.42 3.87 -23.55
C ASN A 180 3.75 5.20 -23.76
N LYS A 181 2.54 5.12 -24.32
CA LYS A 181 1.77 6.31 -24.63
C LYS A 181 1.53 7.12 -23.30
N TRP A 182 1.03 6.45 -22.26
CA TRP A 182 0.76 7.12 -20.97
C TRP A 182 2.00 7.78 -20.41
N TYR A 183 3.14 7.13 -20.55
CA TYR A 183 4.40 7.63 -19.95
C TYR A 183 4.84 8.89 -20.68
N ALA A 184 4.85 8.83 -22.03
CA ALA A 184 5.14 9.99 -22.85
C ALA A 184 4.22 11.20 -22.53
N ASN A 185 2.89 10.99 -22.47
CA ASN A 185 1.94 12.05 -22.10
C ASN A 185 2.21 12.56 -20.68
N ALA A 186 2.43 11.64 -19.72
CA ALA A 186 2.68 12.05 -18.32
C ALA A 186 3.92 12.93 -18.16
N LYS A 187 5.03 12.58 -18.83
CA LYS A 187 6.22 13.46 -18.76
C LYS A 187 5.89 14.88 -19.25
N LYS A 188 4.96 14.98 -20.18
CA LYS A 188 4.61 16.25 -20.82
C LYS A 188 3.76 17.14 -19.91
N VAL A 189 2.70 16.57 -19.32
CA VAL A 189 1.69 17.32 -18.53
C VAL A 189 1.99 17.36 -17.01
N THR A 190 2.90 16.53 -16.50
CA THR A 190 3.10 16.52 -15.05
C THR A 190 4.11 17.59 -14.55
N PRO A 191 3.67 18.53 -13.69
CA PRO A 191 4.58 19.49 -13.11
C PRO A 191 5.70 18.82 -12.38
N GLY A 192 6.94 19.30 -12.59
CA GLY A 192 8.08 18.84 -11.85
C GLY A 192 8.67 17.55 -12.36
N TRP A 193 8.19 17.12 -13.52
CA TRP A 193 8.83 15.94 -14.17
C TRP A 193 10.30 16.17 -14.38
N ASP A 194 10.68 17.37 -14.84
CA ASP A 194 12.12 17.63 -15.12
C ASP A 194 13.05 17.40 -13.89
N GLU A 195 12.60 17.81 -12.72
CA GLU A 195 13.28 17.65 -11.46
C GLU A 195 13.28 16.18 -11.05
N ASN A 196 12.14 15.51 -11.24
CA ASN A 196 12.06 14.02 -11.09
C ASN A 196 13.11 13.30 -11.92
N TRP A 197 13.25 13.71 -13.18
CA TRP A 197 14.17 13.07 -14.07
C TRP A 197 15.59 13.30 -13.58
N ALA A 198 15.86 14.48 -13.02
CA ALA A 198 17.16 14.84 -12.46
C ALA A 198 17.48 13.93 -11.27
N GLY A 199 16.56 13.82 -10.31
CA GLY A 199 16.65 12.86 -9.23
C GLY A 199 16.82 11.40 -9.66
N CYS A 200 16.19 10.95 -10.74
CA CYS A 200 16.45 9.59 -11.28
C CYS A 200 17.94 9.29 -11.64
N GLN A 201 18.69 10.31 -12.00
CA GLN A 201 20.11 10.08 -12.40
C GLN A 201 20.90 9.84 -11.15
N GLU A 202 20.39 10.31 -10.00
CA GLU A 202 21.05 10.00 -8.70
C GLU A 202 20.82 8.55 -8.27
N PHE A 203 19.58 8.13 -8.36
CA PHE A 203 19.21 6.71 -8.24
C PHE A 203 20.04 5.83 -9.22
N LYS A 204 20.24 6.28 -10.43
CA LYS A 204 20.89 5.44 -11.47
C LYS A 204 22.34 5.17 -11.17
N LYS A 205 22.99 6.05 -10.38
CA LYS A 205 24.33 5.76 -9.87
C LYS A 205 24.48 4.42 -9.10
N TYR A 206 23.44 3.93 -8.46
CA TYR A 206 23.52 2.66 -7.79
C TYR A 206 23.77 1.52 -8.80
N PHE A 207 23.46 1.71 -10.08
CA PHE A 207 23.61 0.66 -11.11
C PHE A 207 24.96 0.69 -11.83
N ALA B 1 -24.24 -5.21 -2.94
CA ALA B 1 -22.80 -5.31 -3.39
C ALA B 1 -22.30 -6.75 -3.36
N ASP B 2 -21.44 -7.10 -4.30
CA ASP B 2 -20.87 -8.46 -4.31
C ASP B 2 -19.46 -8.41 -3.68
N LEU B 3 -19.03 -9.47 -2.99
CA LEU B 3 -17.63 -9.65 -2.53
C LEU B 3 -17.11 -11.00 -2.94
N TYR B 4 -16.21 -11.00 -3.92
CA TYR B 4 -15.46 -12.20 -4.28
C TYR B 4 -14.31 -12.40 -3.26
N TYR B 5 -14.22 -13.60 -2.70
CA TYR B 5 -13.49 -13.80 -1.44
C TYR B 5 -13.21 -15.26 -1.15
N LEU B 6 -12.19 -15.52 -0.33
CA LEU B 6 -12.04 -16.81 0.40
C LEU B 6 -11.95 -16.52 1.91
N PRO B 7 -12.55 -17.38 2.75
CA PRO B 7 -12.66 -16.98 4.17
C PRO B 7 -11.32 -16.95 4.89
N GLY B 8 -10.35 -17.70 4.39
CA GLY B 8 -9.06 -17.80 4.99
C GLY B 8 -8.19 -16.58 4.75
N SER B 9 -8.46 -15.87 3.65
CA SER B 9 -7.64 -14.75 3.16
C SER B 9 -7.78 -13.53 4.05
N SER B 10 -6.65 -13.12 4.60
CA SER B 10 -6.54 -11.97 5.52
C SER B 10 -7.10 -10.68 4.96
N PRO B 11 -6.74 -10.32 3.70
CA PRO B 11 -7.32 -9.05 3.21
C PRO B 11 -8.83 -9.18 2.96
N CYS B 12 -9.32 -10.40 2.70
CA CYS B 12 -10.77 -10.64 2.63
C CYS B 12 -11.37 -10.45 4.00
N ARG B 13 -10.72 -10.97 5.04
CA ARG B 13 -11.30 -10.92 6.44
C ARG B 13 -11.31 -9.46 6.95
N SER B 14 -10.36 -8.65 6.49
CA SER B 14 -10.42 -7.23 6.87
C SER B 14 -11.68 -6.54 6.25
N VAL B 15 -11.98 -6.82 5.00
CA VAL B 15 -13.17 -6.19 4.33
C VAL B 15 -14.44 -6.62 5.05
N ILE B 16 -14.50 -7.91 5.35
CA ILE B 16 -15.65 -8.51 6.02
C ILE B 16 -15.92 -7.91 7.43
N MET B 17 -14.87 -7.73 8.22
CA MET B 17 -14.99 -6.95 9.50
C MET B 17 -15.49 -5.51 9.31
N VAL B 18 -14.90 -4.76 8.37
CA VAL B 18 -15.37 -3.38 8.14
C VAL B 18 -16.85 -3.36 7.71
N ALA B 19 -17.31 -4.32 6.89
CA ALA B 19 -18.67 -4.35 6.38
C ALA B 19 -19.63 -4.65 7.54
N LYS B 20 -19.18 -5.49 8.48
CA LYS B 20 -19.93 -5.74 9.68
C LYS B 20 -19.96 -4.54 10.59
N ALA B 21 -18.85 -3.84 10.73
CA ALA B 21 -18.79 -2.70 11.67
C ALA B 21 -19.71 -1.55 11.28
N ILE B 22 -20.02 -1.42 9.99
CA ILE B 22 -20.86 -0.34 9.54
C ILE B 22 -22.27 -0.88 9.26
N GLY B 23 -22.49 -2.18 9.44
CA GLY B 23 -23.82 -2.78 9.21
C GLY B 23 -24.19 -2.88 7.76
N LEU B 24 -23.23 -3.20 6.88
CA LEU B 24 -23.52 -3.35 5.48
C LEU B 24 -23.53 -4.81 5.10
N GLU B 25 -24.65 -5.23 4.49
CA GLU B 25 -24.83 -6.60 4.03
C GLU B 25 -24.20 -6.77 2.65
N LEU B 26 -23.30 -7.74 2.54
CA LEU B 26 -22.58 -8.05 1.32
C LEU B 26 -23.05 -9.39 0.81
N ASN B 27 -23.07 -9.52 -0.53
CA ASN B 27 -23.35 -10.76 -1.23
C ASN B 27 -22.02 -11.51 -1.42
N LYS B 28 -21.75 -12.46 -0.55
CA LYS B 28 -20.46 -13.14 -0.57
C LYS B 28 -20.36 -14.30 -1.59
N LYS B 29 -19.26 -14.37 -2.34
CA LYS B 29 -19.08 -15.33 -3.44
C LYS B 29 -17.70 -15.97 -3.43
N LEU B 30 -17.60 -17.24 -3.06
CA LEU B 30 -16.29 -17.93 -3.00
C LEU B 30 -15.65 -17.97 -4.41
N LEU B 31 -14.32 -17.95 -4.49
CA LEU B 31 -13.59 -17.96 -5.76
C LEU B 31 -12.42 -18.88 -5.51
N ASP B 32 -12.44 -20.05 -6.18
CA ASP B 32 -11.53 -21.13 -5.87
C ASP B 32 -10.21 -20.88 -6.59
N LEU B 33 -9.30 -20.23 -5.88
CA LEU B 33 -8.01 -19.90 -6.48
C LEU B 33 -7.08 -21.12 -6.74
N SER B 34 -7.18 -22.18 -5.96
CA SER B 34 -6.23 -23.31 -6.10
C SER B 34 -6.63 -24.06 -7.38
N THR B 35 -7.91 -23.95 -7.70
CA THR B 35 -8.48 -24.36 -8.99
C THR B 35 -8.09 -23.50 -10.20
N GLY B 36 -7.64 -22.27 -9.95
CA GLY B 36 -7.47 -21.29 -11.02
C GLY B 36 -8.77 -20.66 -11.52
N GLU B 37 -9.87 -20.79 -10.76
CA GLU B 37 -11.17 -20.12 -11.06
C GLU B 37 -11.08 -18.59 -11.32
N HIS B 38 -10.18 -17.93 -10.60
CA HIS B 38 -9.96 -16.47 -10.73
C HIS B 38 -9.38 -16.00 -12.02
N LEU B 39 -8.69 -16.91 -12.72
CA LEU B 39 -8.06 -16.60 -14.02
C LEU B 39 -9.04 -16.68 -15.21
N LYS B 40 -10.27 -17.14 -14.92
N LYS B 40 -10.25 -17.18 -14.96
CA LYS B 40 -11.36 -17.18 -15.90
CA LYS B 40 -11.21 -17.37 -16.05
C LYS B 40 -11.55 -15.83 -16.57
C LYS B 40 -11.72 -16.00 -16.54
N PRO B 41 -11.95 -15.82 -17.86
CA PRO B 41 -12.40 -14.56 -18.48
C PRO B 41 -13.60 -13.94 -17.79
N GLU B 42 -14.40 -14.80 -17.17
CA GLU B 42 -15.54 -14.41 -16.36
C GLU B 42 -15.13 -13.33 -15.29
N PHE B 43 -14.17 -13.73 -14.44
CA PHE B 43 -13.63 -12.85 -13.40
C PHE B 43 -12.61 -11.81 -13.90
N VAL B 44 -11.73 -12.13 -14.89
CA VAL B 44 -10.81 -11.11 -15.45
C VAL B 44 -11.56 -9.86 -15.90
N LYS B 45 -12.75 -10.05 -16.46
CA LYS B 45 -13.58 -8.94 -16.95
C LYS B 45 -14.03 -8.01 -15.83
N ILE B 46 -14.15 -8.58 -14.64
CA ILE B 46 -14.55 -7.79 -13.50
C ILE B 46 -13.30 -7.06 -12.95
N ASN B 47 -12.22 -7.83 -12.83
CA ASN B 47 -10.92 -7.41 -12.26
C ASN B 47 -9.81 -8.03 -13.05
N PRO B 48 -9.16 -7.24 -13.92
CA PRO B 48 -8.07 -7.73 -14.78
C PRO B 48 -6.81 -8.17 -14.06
N GLN B 49 -6.66 -7.78 -12.78
CA GLN B 49 -5.54 -8.25 -12.00
C GLN B 49 -5.83 -9.59 -11.32
N HIS B 50 -7.12 -9.94 -11.32
CA HIS B 50 -7.71 -11.22 -10.82
C HIS B 50 -7.30 -11.52 -9.37
N THR B 51 -7.69 -10.59 -8.50
CA THR B 51 -7.37 -10.72 -7.11
C THR B 51 -8.62 -10.63 -6.23
N ILE B 52 -8.48 -11.26 -5.07
CA ILE B 52 -9.49 -11.22 -4.03
C ILE B 52 -8.83 -10.51 -2.87
N PRO B 53 -9.60 -9.69 -2.14
CA PRO B 53 -11.00 -9.33 -2.34
C PRO B 53 -11.25 -8.39 -3.53
N THR B 54 -12.37 -8.60 -4.23
CA THR B 54 -12.92 -7.64 -5.19
C THR B 54 -14.39 -7.43 -4.83
N LEU B 55 -14.83 -6.19 -4.91
CA LEU B 55 -16.20 -5.79 -4.63
C LEU B 55 -16.78 -5.34 -5.96
N VAL B 56 -18.03 -5.74 -6.24
CA VAL B 56 -18.83 -5.13 -7.31
C VAL B 56 -20.03 -4.41 -6.66
N ASP B 57 -20.04 -3.08 -6.77
CA ASP B 57 -21.06 -2.25 -6.12
C ASP B 57 -21.87 -1.59 -7.24
N ASN B 58 -23.06 -2.15 -7.48
N ASN B 58 -23.06 -2.13 -7.48
CA ASN B 58 -23.90 -1.79 -8.61
CA ASN B 58 -23.91 -1.77 -8.62
C ASN B 58 -23.06 -1.58 -9.86
C ASN B 58 -23.06 -1.58 -9.87
N GLY B 59 -22.32 -2.63 -10.23
CA GLY B 59 -21.42 -2.59 -11.38
C GLY B 59 -20.06 -1.89 -11.19
N PHE B 60 -19.87 -1.03 -10.19
CA PHE B 60 -18.52 -0.45 -9.95
C PHE B 60 -17.62 -1.55 -9.31
N ALA B 61 -16.62 -2.00 -10.07
CA ALA B 61 -15.56 -2.93 -9.67
C ALA B 61 -14.46 -2.26 -8.84
N LEU B 62 -14.04 -2.88 -7.72
CA LEU B 62 -12.97 -2.32 -6.87
C LEU B 62 -12.16 -3.44 -6.17
N TRP B 63 -10.85 -3.38 -6.27
CA TRP B 63 -10.03 -4.31 -5.55
C TRP B 63 -9.00 -3.54 -4.78
N GLU B 64 -8.13 -4.28 -4.07
CA GLU B 64 -7.22 -3.84 -3.05
C GLU B 64 -8.04 -3.71 -1.75
N SER B 65 -7.82 -4.62 -0.80
CA SER B 65 -8.60 -4.62 0.49
C SER B 65 -8.64 -3.23 1.09
N ARG B 66 -7.51 -2.55 1.12
CA ARG B 66 -7.49 -1.28 1.89
C ARG B 66 -8.17 -0.12 1.13
N ALA B 67 -8.24 -0.19 -0.21
CA ALA B 67 -9.04 0.82 -0.92
C ALA B 67 -10.51 0.55 -0.66
N ILE B 68 -10.91 -0.72 -0.62
CA ILE B 68 -12.26 -1.08 -0.33
C ILE B 68 -12.72 -0.62 1.10
N LEU B 69 -11.85 -0.81 2.10
CA LEU B 69 -12.17 -0.41 3.50
C LEU B 69 -12.55 1.07 3.54
N VAL B 70 -11.70 1.91 2.93
CA VAL B 70 -11.93 3.37 2.81
C VAL B 70 -13.28 3.62 2.11
N TYR B 71 -13.49 3.00 0.97
CA TYR B 71 -14.69 3.29 0.19
C TYR B 71 -15.98 2.86 0.90
N LEU B 72 -15.96 1.70 1.58
CA LEU B 72 -17.14 1.22 2.30
C LEU B 72 -17.50 2.20 3.44
N VAL B 73 -16.49 2.64 4.19
CA VAL B 73 -16.73 3.66 5.21
C VAL B 73 -17.22 4.99 4.63
N GLU B 74 -16.51 5.52 3.65
CA GLU B 74 -16.89 6.80 3.04
C GLU B 74 -18.33 6.78 2.50
N LYS B 75 -18.63 5.79 1.66
CA LYS B 75 -19.94 5.74 1.00
C LYS B 75 -21.06 5.29 1.92
N TYR B 76 -20.74 4.38 2.83
CA TYR B 76 -21.80 3.63 3.50
C TYR B 76 -21.83 3.75 4.99
N GLY B 77 -20.78 4.31 5.62
CA GLY B 77 -20.74 4.33 7.08
C GLY B 77 -21.68 5.44 7.56
N LYS B 78 -22.51 5.15 8.56
CA LYS B 78 -23.45 6.13 9.18
C LYS B 78 -22.77 7.27 9.94
N THR B 79 -21.71 6.96 10.66
CA THR B 79 -20.80 7.95 11.24
C THR B 79 -19.44 7.77 10.55
N ASP B 80 -18.59 8.78 10.62
CA ASP B 80 -17.28 8.67 10.02
C ASP B 80 -16.25 8.28 11.03
N SER B 81 -16.66 7.68 12.15
CA SER B 81 -15.71 7.38 13.20
C SER B 81 -14.63 6.31 12.80
N LEU B 82 -14.94 5.34 11.93
CA LEU B 82 -13.94 4.36 11.53
C LEU B 82 -12.83 4.97 10.63
N TYR B 83 -13.12 6.14 10.10
CA TYR B 83 -12.26 6.86 9.16
C TYR B 83 -12.63 8.37 9.19
N PRO B 84 -12.16 9.12 10.21
CA PRO B 84 -12.68 10.48 10.37
C PRO B 84 -12.26 11.43 9.28
N LYS B 85 -13.10 12.43 9.05
CA LYS B 85 -12.84 13.41 7.98
C LYS B 85 -11.54 14.23 8.14
N CYS B 86 -11.21 14.63 9.37
CA CYS B 86 -10.00 15.42 9.70
C CYS B 86 -8.74 14.92 8.94
N PRO B 87 -8.20 15.71 8.00
CA PRO B 87 -7.12 15.08 7.19
C PRO B 87 -5.92 14.54 7.99
N LYS B 88 -5.63 15.07 9.17
CA LYS B 88 -4.49 14.56 10.02
C LYS B 88 -4.70 13.16 10.54
N LYS B 89 -5.93 12.92 11.00
CA LYS B 89 -6.35 11.62 11.51
C LYS B 89 -6.43 10.64 10.32
N ARG B 90 -7.08 11.04 9.25
CA ARG B 90 -7.10 10.24 8.04
C ARG B 90 -5.65 9.87 7.61
N ALA B 91 -4.78 10.87 7.59
CA ALA B 91 -3.39 10.70 7.13
C ALA B 91 -2.67 9.66 8.00
N VAL B 92 -2.89 9.69 9.33
CA VAL B 92 -2.26 8.67 10.26
C VAL B 92 -2.84 7.28 9.89
N ILE B 93 -4.15 7.20 9.65
CA ILE B 93 -4.80 5.92 9.32
C ILE B 93 -4.25 5.42 7.99
N ASN B 94 -4.12 6.29 6.98
CA ASN B 94 -3.51 5.90 5.71
C ASN B 94 -2.07 5.35 5.88
N GLN B 95 -1.26 6.04 6.66
CA GLN B 95 0.10 5.57 6.90
C GLN B 95 0.10 4.16 7.53
N ARG B 96 -0.79 3.94 8.50
CA ARG B 96 -0.94 2.65 9.16
C ARG B 96 -1.46 1.59 8.16
N LEU B 97 -2.23 2.02 7.15
CA LEU B 97 -2.70 1.08 6.14
C LEU B 97 -1.57 0.67 5.21
N TYR B 98 -0.74 1.62 4.77
CA TYR B 98 0.46 1.29 3.96
C TYR B 98 1.50 0.48 4.70
N PHE B 99 1.69 0.78 5.99
CA PHE B 99 2.51 -0.05 6.88
C PHE B 99 2.03 -1.52 6.96
N ASP B 100 0.76 -1.72 7.28
CA ASP B 100 0.09 -3.03 7.27
C ASP B 100 0.38 -3.79 5.98
N MET B 101 0.12 -3.19 4.83
CA MET B 101 0.54 -3.82 3.53
C MET B 101 2.04 -4.05 3.33
N GLY B 102 2.88 -2.99 3.26
CA GLY B 102 4.28 -3.09 2.81
C GLY B 102 5.36 -3.39 3.83
N THR B 103 5.04 -3.32 5.11
CA THR B 103 6.00 -3.64 6.19
C THR B 103 5.55 -4.92 6.91
N LEU B 104 4.31 -4.87 7.43
CA LEU B 104 3.84 -5.87 8.35
C LEU B 104 3.45 -7.13 7.64
N TYR B 105 2.37 -7.07 6.88
CA TYR B 105 1.91 -8.31 6.21
C TYR B 105 2.95 -8.73 5.16
N GLN B 106 3.61 -7.76 4.52
CA GLN B 106 4.65 -8.15 3.56
C GLN B 106 5.72 -9.00 4.21
N SER B 107 6.14 -8.68 5.45
CA SER B 107 7.24 -9.47 6.11
C SER B 107 6.72 -10.80 6.49
N PHE B 108 5.41 -10.82 6.78
CA PHE B 108 4.77 -12.02 7.18
C PHE B 108 4.71 -13.04 6.01
N ALA B 109 4.13 -12.61 4.87
CA ALA B 109 4.13 -13.36 3.61
C ALA B 109 5.53 -13.85 3.26
N ASN B 110 6.48 -12.94 3.33
CA ASN B 110 7.81 -13.23 2.84
C ASN B 110 8.48 -14.39 3.60
N TYR B 111 8.22 -14.48 4.90
CA TYR B 111 8.77 -15.52 5.72
C TYR B 111 7.99 -16.83 5.63
N TYR B 112 6.66 -16.73 5.70
CA TYR B 112 5.87 -17.93 5.84
C TYR B 112 5.48 -18.54 4.51
N TYR B 113 5.16 -17.73 3.49
CA TYR B 113 4.65 -18.26 2.22
C TYR B 113 5.59 -19.29 1.57
N PRO B 114 6.87 -18.96 1.45
CA PRO B 114 7.77 -19.97 0.82
C PRO B 114 7.89 -21.29 1.59
N GLN B 115 7.60 -21.28 2.89
CA GLN B 115 7.64 -22.52 3.66
C GLN B 115 6.42 -23.34 3.25
N VAL B 116 5.24 -22.72 3.30
CA VAL B 116 3.95 -23.40 3.10
C VAL B 116 3.57 -23.62 1.63
N PHE B 117 4.06 -22.81 0.70
CA PHE B 117 3.62 -22.94 -0.73
C PHE B 117 4.70 -23.50 -1.69
N ALA B 118 5.97 -23.42 -1.31
CA ALA B 118 7.09 -23.90 -2.15
C ALA B 118 8.05 -24.79 -1.36
N LYS B 119 7.72 -25.11 -0.12
CA LYS B 119 8.49 -26.04 0.71
C LYS B 119 9.87 -25.63 1.21
N ALA B 120 10.37 -24.46 0.81
CA ALA B 120 11.71 -24.03 1.26
C ALA B 120 11.81 -23.97 2.78
N PRO B 121 13.02 -24.08 3.34
CA PRO B 121 13.16 -24.01 4.80
C PRO B 121 13.23 -22.59 5.33
N ALA B 122 12.80 -22.41 6.57
CA ALA B 122 12.79 -21.09 7.21
C ALA B 122 14.07 -20.31 6.95
N ASP B 123 13.93 -19.06 6.53
CA ASP B 123 15.05 -18.17 6.31
C ASP B 123 15.12 -17.19 7.49
N PRO B 124 16.15 -17.33 8.32
CA PRO B 124 16.21 -16.57 9.55
C PRO B 124 16.45 -15.08 9.40
N GLU B 125 16.90 -14.63 8.26
N GLU B 125 16.94 -14.66 8.26
CA GLU B 125 16.95 -13.19 8.03
CA GLU B 125 16.99 -13.24 7.90
C GLU B 125 15.57 -12.65 7.59
C GLU B 125 15.57 -12.70 7.68
N LEU B 126 14.70 -13.47 7.05
CA LEU B 126 13.32 -13.02 6.87
C LEU B 126 12.52 -13.05 8.22
N TYR B 127 12.90 -13.94 9.14
CA TYR B 127 12.33 -13.97 10.50
C TYR B 127 12.53 -12.65 11.22
N LYS B 128 13.76 -12.16 11.17
CA LYS B 128 14.19 -10.90 11.76
C LYS B 128 13.50 -9.71 11.14
N LYS B 129 13.39 -9.69 9.81
CA LYS B 129 12.62 -8.65 9.13
C LYS B 129 11.18 -8.63 9.69
N MET B 130 10.61 -9.82 9.93
CA MET B 130 9.24 -9.94 10.41
C MET B 130 9.11 -9.44 11.83
N GLU B 131 10.05 -9.84 12.69
CA GLU B 131 10.03 -9.37 14.07
C GLU B 131 10.26 -7.82 14.11
N ALA B 132 11.13 -7.32 13.26
CA ALA B 132 11.38 -5.86 13.19
C ALA B 132 10.12 -5.13 12.80
N ALA B 133 9.26 -5.74 11.97
CA ALA B 133 7.91 -5.18 11.70
C ALA B 133 6.96 -5.06 12.92
N VAL B 134 6.76 -6.16 13.62
CA VAL B 134 5.97 -6.21 14.84
C VAL B 134 6.52 -5.21 15.88
N GLU B 135 7.85 -5.16 16.05
CA GLU B 135 8.49 -4.20 16.97
C GLU B 135 8.06 -2.74 16.60
N PHE B 136 8.07 -2.42 15.29
CA PHE B 136 7.54 -1.12 14.84
C PHE B 136 6.10 -0.89 15.27
N LEU B 137 5.26 -1.91 15.12
CA LEU B 137 3.91 -1.78 15.51
C LEU B 137 3.83 -1.58 17.05
N ASN B 138 4.71 -2.28 17.78
CA ASN B 138 4.75 -2.12 19.23
C ASN B 138 5.01 -0.66 19.57
N THR B 139 5.89 -0.04 18.80
CA THR B 139 6.35 1.32 19.05
C THR B 139 5.27 2.30 18.78
N PHE B 140 4.61 2.13 17.62
CA PHE B 140 3.41 2.87 17.26
C PHE B 140 2.39 2.75 18.37
N LEU B 141 2.36 1.63 19.10
CA LEU B 141 1.30 1.44 20.07
C LEU B 141 1.63 2.00 21.47
N GLU B 142 2.74 2.71 21.63
CA GLU B 142 3.23 3.03 22.98
C GLU B 142 2.33 4.07 23.61
N GLY B 143 1.70 3.67 24.72
CA GLY B 143 0.86 4.55 25.52
C GLY B 143 -0.48 4.71 24.87
N GLN B 144 -0.78 3.90 23.85
CA GLN B 144 -1.99 4.00 23.05
C GLN B 144 -2.83 2.78 23.27
N THR B 145 -4.15 2.93 23.09
CA THR B 145 -5.07 1.77 23.11
C THR B 145 -5.36 1.25 21.65
N TYR B 146 -5.48 2.19 20.71
CA TYR B 146 -5.71 1.90 19.29
C TYR B 146 -4.57 2.38 18.40
N ALA B 147 -4.56 1.88 17.17
CA ALA B 147 -3.42 2.13 16.23
C ALA B 147 -3.33 3.53 15.73
N ALA B 148 -4.45 4.22 15.56
CA ALA B 148 -4.39 5.61 15.10
C ALA B 148 -5.35 6.38 15.96
N GLY B 149 -4.90 7.39 16.69
CA GLY B 149 -5.83 8.17 17.49
C GLY B 149 -6.24 7.43 18.74
N ASP B 150 -7.38 7.80 19.30
CA ASP B 150 -7.81 7.27 20.59
C ASP B 150 -9.12 6.50 20.40
N SER B 151 -9.24 5.84 19.24
CA SER B 151 -10.48 5.32 18.70
C SER B 151 -10.32 4.13 17.73
N LEU B 152 -11.22 3.15 17.76
CA LEU B 152 -11.24 2.08 16.73
C LEU B 152 -11.34 2.69 15.35
N THR B 153 -10.43 2.33 14.45
CA THR B 153 -10.48 2.83 13.08
C THR B 153 -10.26 1.65 12.15
N ILE B 154 -10.44 1.87 10.84
CA ILE B 154 -10.07 0.87 9.83
C ILE B 154 -8.59 0.43 9.87
N ALA B 155 -7.70 1.28 10.41
CA ALA B 155 -6.34 0.88 10.70
C ALA B 155 -6.29 -0.32 11.68
N ASP B 156 -6.98 -0.23 12.82
CA ASP B 156 -7.04 -1.37 13.71
C ASP B 156 -7.60 -2.61 12.97
N ILE B 157 -8.69 -2.46 12.22
CA ILE B 157 -9.37 -3.59 11.67
C ILE B 157 -8.42 -4.31 10.68
N ALA B 158 -7.76 -3.58 9.78
CA ALA B 158 -6.79 -4.15 8.87
C ALA B 158 -5.69 -4.83 9.65
N LEU B 159 -5.19 -4.19 10.68
CA LEU B 159 -4.04 -4.75 11.39
C LEU B 159 -4.52 -5.97 12.16
N LEU B 160 -5.82 -6.01 12.47
CA LEU B 160 -6.39 -7.17 13.21
C LEU B 160 -6.46 -8.46 12.32
N ALA B 161 -6.91 -8.33 11.10
CA ALA B 161 -6.76 -9.40 10.11
C ALA B 161 -5.33 -9.89 10.02
N THR B 162 -4.37 -8.97 9.93
CA THR B 162 -2.95 -9.34 9.80
C THR B 162 -2.44 -10.03 11.06
N MET B 163 -2.76 -9.49 12.24
CA MET B 163 -2.15 -10.05 13.42
C MET B 163 -2.77 -11.38 13.82
N SER B 164 -4.08 -11.59 13.59
CA SER B 164 -4.68 -12.94 13.68
C SER B 164 -4.12 -13.91 12.63
N SER B 165 -3.58 -13.43 11.51
CA SER B 165 -2.85 -14.33 10.60
C SER B 165 -1.53 -14.79 11.24
N PHE B 166 -0.86 -13.84 11.93
CA PHE B 166 0.33 -14.14 12.70
C PHE B 166 0.07 -15.26 13.73
N GLU B 167 -1.02 -15.14 14.51
CA GLU B 167 -1.23 -16.08 15.64
C GLU B 167 -1.47 -17.50 15.09
N VAL B 168 -2.37 -17.63 14.14
CA VAL B 168 -2.74 -18.90 13.57
C VAL B 168 -1.55 -19.60 12.85
N ALA B 169 -0.61 -18.83 12.33
CA ALA B 169 0.60 -19.38 11.81
C ALA B 169 1.60 -19.78 12.89
N GLY B 170 1.31 -19.55 14.17
CA GLY B 170 2.24 -19.93 15.28
C GLY B 170 3.20 -18.86 15.85
N TYR B 171 3.07 -17.59 15.43
CA TYR B 171 3.96 -16.56 15.93
C TYR B 171 3.39 -15.98 17.22
N ASP B 172 4.13 -16.14 18.32
CA ASP B 172 3.69 -15.66 19.60
C ASP B 172 4.22 -14.25 19.66
N PHE B 173 3.35 -13.27 19.73
CA PHE B 173 3.80 -11.93 19.83
C PHE B 173 3.56 -11.37 21.24
N SER B 174 3.49 -12.25 22.25
CA SER B 174 3.33 -11.79 23.66
C SER B 174 4.46 -10.90 24.10
N LYS B 175 5.66 -11.13 23.63
CA LYS B 175 6.80 -10.33 24.09
C LYS B 175 6.66 -8.83 23.81
N TYR B 176 5.88 -8.49 22.78
CA TYR B 176 5.57 -7.09 22.44
C TYR B 176 4.37 -6.62 23.21
N GLU B 177 4.63 -6.16 24.44
CA GLU B 177 3.57 -5.82 25.36
C GLU B 177 2.45 -4.97 24.79
N ASN B 178 2.75 -3.88 24.08
CA ASN B 178 1.67 -3.01 23.56
C ASN B 178 0.78 -3.72 22.51
N VAL B 179 1.39 -4.55 21.64
CA VAL B 179 0.68 -5.27 20.57
C VAL B 179 -0.23 -6.28 21.19
N ASN B 180 0.30 -7.03 22.12
CA ASN B 180 -0.52 -7.99 22.86
C ASN B 180 -1.72 -7.34 23.58
N LYS B 181 -1.53 -6.21 24.22
CA LYS B 181 -2.62 -5.55 24.90
C LYS B 181 -3.59 -5.04 23.85
N TRP B 182 -3.11 -4.39 22.78
CA TRP B 182 -4.00 -3.92 21.68
C TRP B 182 -4.73 -5.12 21.04
N TYR B 183 -4.02 -6.23 20.84
CA TYR B 183 -4.69 -7.40 20.22
C TYR B 183 -5.86 -7.88 21.09
N ALA B 184 -5.58 -8.09 22.38
CA ALA B 184 -6.58 -8.56 23.36
C ALA B 184 -7.78 -7.63 23.37
N ASN B 185 -7.52 -6.32 23.40
CA ASN B 185 -8.64 -5.35 23.35
C ASN B 185 -9.38 -5.36 22.01
N ALA B 186 -8.63 -5.40 20.90
CA ALA B 186 -9.27 -5.32 19.57
C ALA B 186 -10.26 -6.49 19.32
N LYS B 187 -9.93 -7.69 19.79
CA LYS B 187 -10.85 -8.86 19.70
C LYS B 187 -12.22 -8.61 20.45
N LYS B 188 -12.14 -7.92 21.60
CA LYS B 188 -13.32 -7.62 22.40
C LYS B 188 -14.22 -6.57 21.75
N VAL B 189 -13.63 -5.54 21.12
CA VAL B 189 -14.41 -4.43 20.56
C VAL B 189 -14.70 -4.40 19.06
N THR B 190 -13.99 -5.18 18.22
CA THR B 190 -14.18 -5.03 16.75
C THR B 190 -15.40 -5.83 16.25
N PRO B 191 -16.38 -5.18 15.59
CA PRO B 191 -17.45 -6.03 15.10
C PRO B 191 -16.89 -7.13 14.16
N GLY B 192 -17.38 -8.36 14.31
CA GLY B 192 -17.06 -9.44 13.37
C GLY B 192 -15.69 -10.01 13.59
N TRP B 193 -15.14 -9.80 14.77
CA TRP B 193 -14.00 -10.55 15.19
C TRP B 193 -14.24 -12.06 15.13
N ASP B 194 -15.43 -12.46 15.49
CA ASP B 194 -15.68 -13.88 15.66
C ASP B 194 -15.67 -14.55 14.23
N GLU B 195 -16.25 -13.89 13.26
CA GLU B 195 -16.20 -14.34 11.89
C GLU B 195 -14.75 -14.37 11.40
N ASN B 196 -13.98 -13.31 11.64
CA ASN B 196 -12.56 -13.34 11.31
C ASN B 196 -11.83 -14.52 11.94
N TRP B 197 -12.08 -14.77 13.22
CA TRP B 197 -11.42 -15.89 13.87
C TRP B 197 -11.80 -17.21 13.18
N ALA B 198 -13.08 -17.48 12.91
CA ALA B 198 -13.52 -18.67 12.07
C ALA B 198 -12.75 -18.82 10.76
N GLY B 199 -12.71 -17.73 9.98
CA GLY B 199 -11.91 -17.65 8.75
C GLY B 199 -10.42 -17.94 8.95
N CYS B 200 -9.84 -17.51 10.08
CA CYS B 200 -8.43 -17.87 10.34
C CYS B 200 -8.15 -19.39 10.44
N GLN B 201 -9.16 -20.17 10.85
CA GLN B 201 -9.04 -21.63 10.92
C GLN B 201 -8.94 -22.20 9.53
N GLU B 202 -9.54 -21.58 8.51
CA GLU B 202 -9.32 -22.08 7.12
C GLU B 202 -7.92 -21.75 6.64
N PHE B 203 -7.46 -20.54 7.01
CA PHE B 203 -6.08 -20.13 6.84
C PHE B 203 -5.10 -21.01 7.63
N LYS B 204 -5.42 -21.40 8.84
CA LYS B 204 -4.56 -22.29 9.60
C LYS B 204 -4.18 -23.61 8.87
N LYS B 205 -4.99 -24.02 7.91
CA LYS B 205 -4.85 -25.35 7.33
C LYS B 205 -3.61 -25.38 6.47
N TYR B 206 -3.31 -24.27 5.79
CA TYR B 206 -2.01 -24.08 5.12
C TYR B 206 -0.75 -24.56 5.91
N PHE B 207 -0.83 -24.57 7.23
CA PHE B 207 0.34 -24.87 8.07
C PHE B 207 0.33 -26.35 8.53
#